data_5NTH
#
_entry.id   5NTH
#
_cell.length_a   116.439
_cell.length_b   116.439
_cell.length_c   91.491
_cell.angle_alpha   90.00
_cell.angle_beta   90.00
_cell.angle_gamma   120.00
#
_symmetry.space_group_name_H-M   'P 3 2 1'
#
loop_
_entity.id
_entity.type
_entity.pdbx_description
1 polymer 'Putative aminopeptidase'
2 non-polymer 'BICARBONATE ION'
3 non-polymer 'MANGANESE (II) ION'
4 non-polymer ACTINONIN
5 water water
#
_entity_poly.entity_id   1
_entity_poly.type   'polypeptide(L)'
_entity_poly.pdbx_seq_one_letter_code
;MSAMKRPRSNSIVEETAVSAYVQTCTNFKSNVTFTDISKVSCVAYHVLLVGALEQLRDNSLKSVLFYCPAVAEALQRVKA
GSTVKTLAEVPGRKGYTEVMVTALPATTSRTNCPYRADSMSEAVAAACGSVEEGEVLDVYVCAPAGSETAVANAVARAAP
HSYTAKAGQATKAYMKQAMSLNVVMSSRAAFTQELVRGKSVCVAELEAICTSVQLCQRLVDTPPCMLDTVVYAEIAAAYA
AELGVDMTVIKGDELREKGYGGIYAVGKCAQYPAHLVTLRYRNPNAAEGAKNIAMVGKGIVYDCGGLALKPAAHMTNMKT
DMGGSAGVFCAFIAVVRSMKMQRTHFSHIANISVTLCLAENAIGPHSYRNDDVVVMKSGKSVEVMNTDAEGRIVLGDGVY
YATGEQDFVPDVLIDMATLTGAQGVATGSKHAGVYASDAEAEKDMISAGLQSGDLCYPVLYCPEYHEEVYKSPCADMRNI
ANSSSSAGSSCGGYFVEQHLSERFRGPFVHVDMAYPTSNTAGATGYGVTLVFEFLRQH
;
_entity_poly.pdbx_strand_id   A
#
# COMPACT_ATOMS: atom_id res chain seq x y z
N SER A 2 -20.18 15.65 15.09
CA SER A 2 -19.10 15.01 14.24
C SER A 2 -18.15 16.06 13.70
N ALA A 3 -18.73 17.01 12.94
CA ALA A 3 -18.02 18.22 12.43
C ALA A 3 -17.68 19.25 13.54
N MET A 4 -18.44 19.18 14.64
CA MET A 4 -18.18 19.96 15.86
C MET A 4 -17.28 19.21 16.88
N LYS A 5 -17.29 17.86 16.87
CA LYS A 5 -16.36 17.06 17.72
C LYS A 5 -14.90 17.37 17.34
N ARG A 6 -14.63 17.25 16.05
CA ARG A 6 -13.31 17.43 15.43
C ARG A 6 -12.56 18.73 15.78
N PRO A 7 -11.35 18.60 16.34
CA PRO A 7 -10.50 19.78 16.58
C PRO A 7 -9.63 20.06 15.35
N ARG A 8 -10.24 20.61 14.30
CA ARG A 8 -9.54 20.86 13.02
C ARG A 8 -9.57 22.35 12.58
N SER A 9 -10.46 22.72 11.65
CA SER A 9 -10.53 24.10 11.15
C SER A 9 -11.56 24.92 11.93
N ASN A 10 -11.47 26.23 11.70
CA ASN A 10 -12.33 27.27 12.28
C ASN A 10 -13.62 27.53 11.44
N SER A 11 -14.08 26.51 10.70
CA SER A 11 -15.02 26.69 9.58
C SER A 11 -16.05 25.56 9.40
N ILE A 12 -17.33 25.94 9.41
CA ILE A 12 -18.45 25.00 9.34
C ILE A 12 -18.45 24.25 8.00
N VAL A 13 -18.17 24.97 6.93
CA VAL A 13 -18.26 24.44 5.56
C VAL A 13 -17.17 23.42 5.30
N GLU A 14 -15.94 23.82 5.58
CA GLU A 14 -14.77 22.96 5.42
C GLU A 14 -14.98 21.70 6.27
N GLU A 15 -15.46 21.88 7.50
CA GLU A 15 -15.64 20.77 8.42
C GLU A 15 -16.75 19.85 8.02
N THR A 16 -17.78 20.40 7.39
CA THR A 16 -18.91 19.60 6.91
C THR A 16 -18.44 18.70 5.77
N ALA A 17 -17.63 19.24 4.86
CA ALA A 17 -17.10 18.45 3.77
C ALA A 17 -16.07 17.42 4.20
N VAL A 18 -15.28 17.68 5.25
CA VAL A 18 -14.34 16.66 5.73
C VAL A 18 -15.12 15.50 6.33
N SER A 19 -16.24 15.79 7.01
CA SER A 19 -17.10 14.73 7.61
C SER A 19 -17.63 13.75 6.57
N ALA A 20 -17.93 14.27 5.38
CA ALA A 20 -18.31 13.46 4.23
C ALA A 20 -17.14 12.70 3.63
N TYR A 21 -15.99 13.36 3.52
CA TYR A 21 -14.77 12.67 3.05
C TYR A 21 -14.43 11.50 3.96
N VAL A 22 -14.60 11.69 5.27
CA VAL A 22 -14.33 10.63 6.23
C VAL A 22 -15.23 9.45 5.91
N GLN A 23 -16.52 9.71 5.75
CA GLN A 23 -17.50 8.65 5.43
C GLN A 23 -17.13 7.83 4.21
N THR A 24 -16.61 8.49 3.18
CA THR A 24 -16.32 7.79 1.94
C THR A 24 -15.17 6.84 2.21
N CYS A 25 -14.28 7.26 3.11
CA CYS A 25 -13.15 6.46 3.56
C CYS A 25 -13.50 5.33 4.55
N THR A 26 -14.36 5.62 5.52
CA THR A 26 -14.74 4.62 6.52
C THR A 26 -15.71 3.55 6.01
N ASN A 27 -16.58 3.84 5.04
CA ASN A 27 -17.42 2.80 4.44
C ASN A 27 -16.93 2.31 3.09
N PHE A 28 -15.68 2.59 2.75
CA PHE A 28 -15.18 2.29 1.42
C PHE A 28 -15.36 0.83 1.03
N LYS A 29 -15.83 0.59 -0.19
CA LYS A 29 -15.75 -0.72 -0.81
C LYS A 29 -15.13 -0.63 -2.17
N SER A 30 -14.36 -1.64 -2.54
CA SER A 30 -13.82 -1.66 -3.89
C SER A 30 -14.99 -1.71 -4.87
N ASN A 31 -14.66 -1.61 -6.15
CA ASN A 31 -15.66 -1.77 -7.18
C ASN A 31 -15.27 -2.91 -8.06
N VAL A 32 -14.69 -3.92 -7.42
CA VAL A 32 -14.30 -5.14 -8.06
C VAL A 32 -15.14 -6.30 -7.51
N THR A 33 -15.59 -7.14 -8.42
CA THR A 33 -16.29 -8.35 -8.08
C THR A 33 -15.63 -9.49 -8.79
N PHE A 34 -15.91 -10.69 -8.32
CA PHE A 34 -15.45 -11.87 -9.01
C PHE A 34 -16.64 -12.75 -9.32
N THR A 35 -16.58 -13.44 -10.45
CA THR A 35 -17.64 -14.34 -10.86
C THR A 35 -17.01 -15.67 -11.24
N ASP A 36 -17.60 -16.76 -10.81
CA ASP A 36 -17.04 -18.07 -11.04
C ASP A 36 -17.15 -18.38 -12.54
N ILE A 37 -16.05 -18.63 -13.24
CA ILE A 37 -16.11 -18.79 -14.72
C ILE A 37 -17.11 -19.85 -15.16
N SER A 38 -17.35 -20.82 -14.29
CA SER A 38 -18.29 -21.87 -14.62
C SER A 38 -19.77 -21.42 -14.53
N LYS A 39 -20.02 -20.19 -14.06
CA LYS A 39 -21.38 -19.65 -13.90
C LYS A 39 -21.67 -18.31 -14.59
N VAL A 40 -20.87 -17.99 -15.61
CA VAL A 40 -21.10 -16.83 -16.46
C VAL A 40 -22.33 -17.10 -17.30
N SER A 41 -23.35 -16.26 -17.12
CA SER A 41 -24.61 -16.29 -17.89
C SER A 41 -24.88 -14.99 -18.66
N CYS A 42 -24.28 -13.89 -18.25
CA CYS A 42 -24.33 -12.71 -19.08
C CYS A 42 -22.96 -12.07 -19.30
N VAL A 43 -22.89 -11.25 -20.34
CA VAL A 43 -21.67 -10.57 -20.74
C VAL A 43 -21.89 -9.08 -20.67
N ALA A 44 -20.86 -8.41 -20.20
CA ALA A 44 -20.94 -7.00 -19.92
C ALA A 44 -20.84 -6.18 -21.19
N TYR A 45 -21.19 -4.90 -21.03
CA TYR A 45 -21.14 -3.94 -22.09
C TYR A 45 -19.72 -3.92 -22.68
N HIS A 46 -18.72 -4.08 -21.81
CA HIS A 46 -17.28 -4.13 -22.21
C HIS A 46 -16.61 -5.36 -21.64
N VAL A 47 -15.68 -5.92 -22.42
CA VAL A 47 -14.99 -7.13 -22.08
C VAL A 47 -13.52 -7.00 -22.39
N LEU A 48 -12.69 -7.42 -21.44
CA LEU A 48 -11.27 -7.52 -21.63
C LEU A 48 -10.82 -8.97 -21.42
N LEU A 49 -9.98 -9.43 -22.34
CA LEU A 49 -9.43 -10.75 -22.28
C LEU A 49 -7.93 -10.58 -22.29
N VAL A 50 -7.27 -11.16 -21.28
CA VAL A 50 -5.87 -10.93 -21.09
C VAL A 50 -5.23 -12.18 -20.57
N GLY A 51 -4.16 -12.59 -21.24
CA GLY A 51 -3.40 -13.73 -20.83
C GLY A 51 -2.20 -13.98 -21.68
N ALA A 52 -1.35 -14.87 -21.20
CA ALA A 52 -0.27 -15.48 -21.98
C ALA A 52 -0.77 -15.85 -23.36
N LEU A 53 0.02 -15.60 -24.39
CA LEU A 53 -0.36 -15.99 -25.74
C LEU A 53 -0.74 -17.48 -25.91
N GLU A 54 0.04 -18.41 -25.35
CA GLU A 54 -0.37 -19.84 -25.36
C GLU A 54 -1.83 -19.99 -24.89
N GLN A 55 -2.15 -19.41 -23.73
CA GLN A 55 -3.43 -19.65 -23.08
C GLN A 55 -4.55 -18.99 -23.87
N LEU A 56 -4.28 -17.83 -24.46
CA LEU A 56 -5.28 -17.17 -25.28
C LEU A 56 -5.67 -17.95 -26.52
N ARG A 57 -4.73 -18.67 -27.12
CA ARG A 57 -4.97 -19.39 -28.38
C ARG A 57 -5.52 -20.82 -28.22
N ASP A 58 -5.59 -21.25 -26.96
CA ASP A 58 -6.22 -22.50 -26.57
C ASP A 58 -7.68 -22.57 -27.01
N ASN A 59 -8.12 -23.80 -27.31
CA ASN A 59 -9.51 -24.09 -27.69
C ASN A 59 -10.47 -24.09 -26.50
N SER A 60 -9.93 -24.24 -25.31
CA SER A 60 -10.66 -23.99 -24.05
C SER A 60 -11.44 -22.63 -24.03
N LEU A 61 -10.93 -21.62 -24.75
CA LEU A 61 -11.58 -20.30 -24.78
C LEU A 61 -12.83 -20.18 -25.61
N LYS A 62 -13.04 -21.10 -26.55
CA LYS A 62 -14.25 -21.05 -27.40
C LYS A 62 -15.58 -21.17 -26.60
N SER A 63 -15.46 -21.59 -25.35
CA SER A 63 -16.58 -21.70 -24.41
C SER A 63 -17.02 -20.37 -23.86
N VAL A 64 -16.10 -19.41 -23.75
CA VAL A 64 -16.42 -18.18 -23.07
C VAL A 64 -17.58 -17.59 -23.88
N LEU A 65 -18.48 -16.96 -23.16
CA LEU A 65 -19.78 -16.62 -23.65
C LEU A 65 -19.78 -15.45 -24.66
N PHE A 66 -18.64 -14.81 -24.84
CA PHE A 66 -18.51 -13.73 -25.81
C PHE A 66 -17.71 -14.21 -27.01
N TYR A 67 -17.52 -15.52 -27.15
CA TYR A 67 -16.78 -16.02 -28.31
C TYR A 67 -17.69 -15.79 -29.48
N CYS A 68 -17.08 -15.40 -30.59
CA CYS A 68 -17.77 -15.14 -31.85
C CYS A 68 -16.68 -14.90 -32.89
N PRO A 69 -17.07 -14.77 -34.17
CA PRO A 69 -16.03 -14.74 -35.20
C PRO A 69 -15.08 -13.52 -35.15
N ALA A 70 -15.59 -12.33 -34.82
CA ALA A 70 -14.74 -11.14 -34.75
C ALA A 70 -13.73 -11.30 -33.62
N VAL A 71 -14.18 -11.93 -32.54
CA VAL A 71 -13.30 -12.17 -31.41
C VAL A 71 -12.27 -13.18 -31.80
N ALA A 72 -12.70 -14.22 -32.49
CA ALA A 72 -11.77 -15.25 -32.96
C ALA A 72 -10.67 -14.62 -33.81
N GLU A 73 -11.06 -13.63 -34.61
CA GLU A 73 -10.13 -12.94 -35.50
C GLU A 73 -9.15 -12.10 -34.69
N ALA A 74 -9.65 -11.45 -33.66
CA ALA A 74 -8.77 -10.71 -32.78
C ALA A 74 -7.68 -11.61 -32.18
N LEU A 75 -8.04 -12.88 -31.89
CA LEU A 75 -7.09 -13.81 -31.33
C LEU A 75 -6.09 -14.27 -32.36
N GLN A 76 -6.44 -14.27 -33.65
CA GLN A 76 -5.43 -14.56 -34.69
C GLN A 76 -4.40 -13.45 -34.81
N ARG A 77 -4.78 -12.22 -34.40
CA ARG A 77 -3.97 -11.03 -34.70
C ARG A 77 -3.14 -10.51 -33.56
N VAL A 78 -3.59 -10.75 -32.34
CA VAL A 78 -2.83 -10.41 -31.17
C VAL A 78 -1.50 -11.17 -31.26
N LYS A 79 -0.41 -10.45 -31.01
CA LYS A 79 0.93 -11.02 -30.87
C LYS A 79 1.37 -10.76 -29.40
N ALA A 80 2.35 -11.51 -28.88
CA ALA A 80 2.92 -11.24 -27.53
C ALA A 80 3.16 -9.77 -27.27
N GLY A 81 2.51 -9.24 -26.23
CA GLY A 81 2.64 -7.83 -25.82
C GLY A 81 1.69 -6.81 -26.44
N SER A 82 0.99 -7.18 -27.49
CA SER A 82 0.15 -6.21 -28.23
C SER A 82 -1.31 -6.29 -27.78
N THR A 83 -2.15 -5.46 -28.40
CA THR A 83 -3.56 -5.39 -28.11
C THR A 83 -4.36 -5.32 -29.42
N VAL A 84 -5.50 -5.99 -29.41
CA VAL A 84 -6.44 -5.93 -30.49
C VAL A 84 -7.81 -5.67 -29.90
N LYS A 85 -8.52 -4.75 -30.55
CA LYS A 85 -9.78 -4.26 -30.04
C LYS A 85 -10.82 -4.22 -31.15
N THR A 86 -12.07 -4.51 -30.79
CA THR A 86 -13.13 -4.59 -31.76
C THR A 86 -14.48 -4.50 -31.09
N LEU A 87 -15.50 -4.23 -31.91
CA LEU A 87 -16.89 -4.39 -31.48
C LEU A 87 -17.33 -5.74 -31.98
N ALA A 88 -18.29 -6.33 -31.31
CA ALA A 88 -18.86 -7.54 -31.85
C ALA A 88 -20.28 -7.75 -31.36
N GLU A 89 -21.08 -8.38 -32.22
CA GLU A 89 -22.40 -8.87 -31.84
C GLU A 89 -22.11 -10.20 -31.12
N VAL A 90 -22.28 -10.23 -29.80
CA VAL A 90 -22.12 -11.46 -29.03
C VAL A 90 -23.47 -11.89 -28.41
N PRO A 91 -23.67 -13.22 -28.28
CA PRO A 91 -24.76 -13.70 -27.44
C PRO A 91 -24.32 -13.61 -25.96
N GLY A 92 -25.26 -13.30 -25.07
CA GLY A 92 -24.94 -12.93 -23.67
C GLY A 92 -25.21 -11.43 -23.46
N ARG A 93 -25.48 -10.76 -24.60
CA ARG A 93 -25.85 -9.34 -24.72
C ARG A 93 -26.58 -9.09 -26.06
N LYS A 94 -27.47 -8.10 -26.09
CA LYS A 94 -28.06 -7.58 -27.34
C LYS A 94 -27.34 -6.29 -27.75
N GLY A 95 -27.21 -6.06 -29.05
CA GLY A 95 -26.45 -4.89 -29.54
C GLY A 95 -24.99 -5.27 -29.77
N TYR A 96 -24.12 -4.26 -29.73
CA TYR A 96 -22.68 -4.47 -29.87
C TYR A 96 -21.98 -4.39 -28.50
N THR A 97 -20.89 -5.13 -28.37
CA THR A 97 -20.12 -5.24 -27.14
C THR A 97 -18.70 -4.87 -27.47
N GLU A 98 -17.99 -4.17 -26.59
CA GLU A 98 -16.61 -3.85 -26.87
C GLU A 98 -15.74 -4.95 -26.26
N VAL A 99 -14.93 -5.56 -27.12
CA VAL A 99 -13.99 -6.58 -26.71
C VAL A 99 -12.54 -6.15 -26.98
N MET A 100 -11.75 -6.14 -25.92
CA MET A 100 -10.34 -5.85 -26.03
C MET A 100 -9.57 -7.10 -25.61
N VAL A 101 -8.54 -7.41 -26.37
CA VAL A 101 -7.82 -8.64 -26.23
C VAL A 101 -6.34 -8.31 -26.11
N THR A 102 -5.72 -8.70 -24.98
CA THR A 102 -4.34 -8.34 -24.69
C THR A 102 -3.50 -9.53 -24.28
N ALA A 103 -2.44 -9.75 -25.04
CA ALA A 103 -1.45 -10.75 -24.71
C ALA A 103 -0.40 -10.17 -23.76
N LEU A 104 -0.11 -10.94 -22.71
CA LEU A 104 0.94 -10.61 -21.80
C LEU A 104 2.25 -10.84 -22.51
N PRO A 105 3.34 -10.27 -21.97
CA PRO A 105 4.64 -10.42 -22.61
C PRO A 105 5.20 -11.83 -22.56
N ALA A 106 6.02 -12.10 -23.57
CA ALA A 106 6.63 -13.41 -23.83
C ALA A 106 7.58 -13.87 -22.73
N THR A 107 8.42 -12.95 -22.23
CA THR A 107 9.55 -13.30 -21.37
C THR A 107 9.52 -12.50 -20.06
N THR A 108 9.79 -13.19 -18.97
CA THR A 108 9.82 -12.61 -17.63
C THR A 108 11.14 -12.96 -16.95
N SER A 109 11.68 -12.06 -16.15
CA SER A 109 12.92 -12.36 -15.45
C SER A 109 12.69 -12.73 -13.98
N ARG A 110 13.77 -13.25 -13.38
CA ARG A 110 13.69 -13.85 -12.06
C ARG A 110 13.13 -12.88 -10.98
N THR A 111 13.36 -11.56 -11.19
CA THR A 111 12.97 -10.50 -10.21
C THR A 111 11.56 -9.93 -10.38
N ASN A 112 10.79 -10.50 -11.30
CA ASN A 112 9.47 -10.03 -11.61
C ASN A 112 8.46 -11.12 -11.35
N CYS A 113 7.23 -10.69 -11.20
CA CYS A 113 6.14 -11.55 -10.89
C CYS A 113 5.85 -12.39 -12.12
N PRO A 114 5.89 -13.72 -11.96
CA PRO A 114 5.73 -14.66 -13.11
C PRO A 114 4.35 -14.65 -13.78
N TYR A 115 3.36 -14.14 -13.06
CA TYR A 115 2.02 -13.92 -13.62
C TYR A 115 1.91 -12.63 -14.42
N ARG A 116 2.94 -11.78 -14.37
CA ARG A 116 2.98 -10.48 -15.05
C ARG A 116 1.84 -9.58 -14.71
N ALA A 117 1.66 -9.37 -13.41
CA ALA A 117 0.65 -8.45 -12.87
C ALA A 117 0.80 -6.99 -13.34
N ASP A 118 1.99 -6.61 -13.77
CA ASP A 118 2.21 -5.28 -14.33
C ASP A 118 1.47 -5.07 -15.65
N SER A 119 1.60 -6.03 -16.54
CA SER A 119 0.94 -5.97 -17.82
C SER A 119 -0.58 -6.07 -17.67
N MET A 120 -1.03 -6.85 -16.69
CA MET A 120 -2.45 -6.98 -16.38
C MET A 120 -3.02 -5.64 -16.00
N SER A 121 -2.32 -4.95 -15.12
CA SER A 121 -2.68 -3.59 -14.73
C SER A 121 -2.68 -2.60 -15.91
N GLU A 122 -1.65 -2.64 -16.76
CA GLU A 122 -1.62 -1.77 -17.93
C GLU A 122 -2.79 -2.08 -18.84
N ALA A 123 -3.14 -3.35 -18.97
CA ALA A 123 -4.17 -3.75 -19.90
C ALA A 123 -5.56 -3.42 -19.37
N VAL A 124 -5.79 -3.67 -18.08
CA VAL A 124 -7.02 -3.24 -17.42
C VAL A 124 -7.24 -1.73 -17.60
N ALA A 125 -6.25 -0.93 -17.22
CA ALA A 125 -6.37 0.52 -17.20
C ALA A 125 -6.82 1.08 -18.50
N ALA A 126 -6.28 0.52 -19.58
CA ALA A 126 -6.60 0.95 -20.92
C ALA A 126 -8.00 0.52 -21.37
N ALA A 127 -8.57 -0.52 -20.78
CA ALA A 127 -9.93 -0.95 -21.10
C ALA A 127 -10.97 -0.16 -20.34
N CYS A 128 -10.60 0.38 -19.19
CA CYS A 128 -11.58 1.10 -18.38
C CYS A 128 -11.90 2.45 -19.00
N GLY A 129 -11.06 2.94 -19.92
CA GLY A 129 -11.18 4.33 -20.39
C GLY A 129 -12.43 4.67 -21.17
N SER A 130 -13.07 3.61 -21.71
CA SER A 130 -14.27 3.74 -22.55
C SER A 130 -15.54 3.22 -21.85
N VAL A 131 -15.44 2.88 -20.57
CA VAL A 131 -16.58 2.37 -19.83
C VAL A 131 -17.38 3.55 -19.31
N GLU A 132 -18.67 3.55 -19.61
CA GLU A 132 -19.55 4.66 -19.26
C GLU A 132 -20.17 4.47 -17.89
N GLU A 133 -20.69 5.57 -17.34
CA GLU A 133 -21.27 5.60 -15.99
C GLU A 133 -22.21 4.43 -15.80
N GLY A 134 -22.16 3.82 -14.61
CA GLY A 134 -23.00 2.68 -14.29
C GLY A 134 -22.74 1.37 -15.03
N GLU A 135 -21.78 1.29 -15.94
CA GLU A 135 -21.55 0.05 -16.71
C GLU A 135 -20.57 -0.85 -16.01
N VAL A 136 -20.30 -1.97 -16.64
CA VAL A 136 -19.46 -3.00 -16.08
C VAL A 136 -18.43 -3.33 -17.12
N LEU A 137 -17.20 -3.55 -16.66
CA LEU A 137 -16.14 -4.14 -17.50
C LEU A 137 -15.90 -5.53 -16.99
N ASP A 138 -16.07 -6.51 -17.87
CA ASP A 138 -15.74 -7.88 -17.60
C ASP A 138 -14.25 -8.07 -17.90
N VAL A 139 -13.54 -8.68 -16.95
CA VAL A 139 -12.11 -8.89 -17.08
C VAL A 139 -11.84 -10.38 -17.04
N TYR A 140 -11.47 -10.91 -18.21
CA TYR A 140 -11.27 -12.32 -18.36
C TYR A 140 -9.80 -12.51 -18.32
N VAL A 141 -9.33 -13.17 -17.26
CA VAL A 141 -7.91 -13.41 -17.05
C VAL A 141 -7.54 -14.88 -17.13
N CYS A 142 -6.61 -15.17 -18.02
CA CYS A 142 -6.02 -16.49 -18.16
C CYS A 142 -4.73 -16.63 -17.34
N ALA A 143 -4.93 -16.95 -16.06
CA ALA A 143 -3.83 -17.11 -15.12
C ALA A 143 -4.04 -18.34 -14.27
N PRO A 144 -2.95 -19.10 -14.05
CA PRO A 144 -3.02 -20.36 -13.33
C PRO A 144 -3.30 -20.18 -11.84
N ALA A 145 -3.77 -21.25 -11.24
CA ALA A 145 -4.10 -21.25 -9.82
C ALA A 145 -2.83 -20.90 -9.03
N GLY A 146 -2.98 -20.05 -8.02
CA GLY A 146 -1.84 -19.45 -7.32
C GLY A 146 -1.64 -17.98 -7.61
N SER A 147 -2.22 -17.52 -8.73
CA SER A 147 -2.16 -16.14 -9.13
C SER A 147 -3.32 -15.24 -8.60
N GLU A 148 -4.25 -15.78 -7.84
CA GLU A 148 -5.41 -15.01 -7.38
C GLU A 148 -5.11 -13.68 -6.69
N THR A 149 -4.14 -13.65 -5.79
CA THR A 149 -3.90 -12.38 -5.06
C THR A 149 -3.25 -11.33 -5.97
N ALA A 150 -2.34 -11.74 -6.84
CA ALA A 150 -1.75 -10.86 -7.83
C ALA A 150 -2.78 -10.29 -8.82
N VAL A 151 -3.68 -11.14 -9.27
CA VAL A 151 -4.80 -10.68 -10.05
C VAL A 151 -5.69 -9.75 -9.23
N ALA A 152 -6.09 -10.10 -8.02
CA ALA A 152 -6.98 -9.19 -7.32
C ALA A 152 -6.33 -7.79 -7.18
N ASN A 153 -5.05 -7.79 -6.78
CA ASN A 153 -4.23 -6.58 -6.73
C ASN A 153 -4.11 -5.86 -8.08
N ALA A 154 -3.67 -6.57 -9.13
CA ALA A 154 -3.43 -5.99 -10.49
C ALA A 154 -4.64 -5.31 -11.10
N VAL A 155 -5.79 -5.83 -10.77
CA VAL A 155 -7.01 -5.28 -11.29
C VAL A 155 -7.50 -4.16 -10.45
N ALA A 156 -7.57 -4.37 -9.15
CA ALA A 156 -8.03 -3.35 -8.19
C ALA A 156 -7.32 -2.02 -8.38
N ARG A 157 -6.01 -2.11 -8.53
CA ARG A 157 -5.16 -0.95 -8.56
C ARG A 157 -5.21 -0.28 -9.90
N ALA A 158 -5.79 -0.95 -10.91
CA ALA A 158 -5.83 -0.44 -12.27
C ALA A 158 -7.17 0.19 -12.65
N ALA A 159 -8.09 0.24 -11.69
CA ALA A 159 -9.39 0.82 -11.93
C ALA A 159 -9.25 2.30 -11.92
N PRO A 160 -10.18 3.02 -12.56
CA PRO A 160 -10.19 4.47 -12.38
C PRO A 160 -10.28 4.86 -10.91
N HIS A 161 -9.51 5.87 -10.51
CA HIS A 161 -9.31 6.17 -9.08
C HIS A 161 -10.52 6.83 -8.46
N SER A 162 -10.80 6.51 -7.20
CA SER A 162 -11.98 7.02 -6.52
C SER A 162 -11.88 8.46 -6.09
N TYR A 163 -10.67 8.95 -5.80
CA TYR A 163 -10.48 10.36 -5.51
C TYR A 163 -10.43 11.14 -6.80
N THR A 164 -11.38 12.08 -6.93
CA THR A 164 -11.39 13.08 -8.00
C THR A 164 -12.18 14.32 -7.57
N ALA A 165 -11.83 15.48 -8.13
CA ALA A 165 -12.66 16.71 -8.03
C ALA A 165 -13.16 17.23 -9.39
N LYS A 166 -12.86 16.50 -10.46
CA LYS A 166 -13.43 16.81 -11.78
C LYS A 166 -14.94 16.96 -11.75
N ALA A 167 -15.42 17.93 -12.52
CA ALA A 167 -16.84 18.03 -12.85
C ALA A 167 -17.77 17.96 -11.64
N GLY A 168 -17.44 18.70 -10.60
CA GLY A 168 -18.33 18.81 -9.44
C GLY A 168 -18.18 17.76 -8.36
N GLN A 169 -17.34 16.74 -8.54
CA GLN A 169 -17.23 15.69 -7.51
C GLN A 169 -16.96 16.20 -6.09
N ALA A 170 -16.44 17.43 -5.95
CA ALA A 170 -16.23 18.03 -4.63
C ALA A 170 -17.50 18.01 -3.80
N THR A 171 -18.64 18.22 -4.48
CA THR A 171 -19.97 18.20 -3.87
C THR A 171 -20.47 16.81 -3.49
N LYS A 172 -19.78 15.78 -3.95
CA LYS A 172 -20.05 14.39 -3.61
C LYS A 172 -18.82 13.76 -2.94
N ALA A 173 -18.16 14.55 -2.09
CA ALA A 173 -17.07 14.05 -1.22
C ALA A 173 -15.85 13.54 -1.96
N TYR A 174 -15.55 14.12 -3.10
CA TYR A 174 -14.37 13.71 -3.86
C TYR A 174 -14.36 12.20 -4.15
N MET A 175 -15.52 11.59 -4.31
CA MET A 175 -15.62 10.16 -4.43
C MET A 175 -16.38 9.78 -5.66
N LYS A 176 -15.73 9.08 -6.59
CA LYS A 176 -16.34 8.60 -7.79
C LYS A 176 -16.06 7.12 -7.99
N GLN A 177 -17.13 6.35 -8.17
CA GLN A 177 -17.08 4.90 -8.42
C GLN A 177 -18.25 4.60 -9.38
N ALA A 178 -18.03 5.05 -10.60
CA ALA A 178 -19.08 5.20 -11.59
C ALA A 178 -19.28 3.90 -12.29
N MET A 179 -18.20 3.16 -12.45
CA MET A 179 -18.19 1.94 -13.21
C MET A 179 -17.88 0.79 -12.28
N SER A 180 -17.57 -0.36 -12.85
CA SER A 180 -17.39 -1.55 -12.07
C SER A 180 -16.67 -2.63 -12.83
N LEU A 181 -15.78 -3.35 -12.14
CA LEU A 181 -15.00 -4.41 -12.79
C LEU A 181 -15.41 -5.76 -12.27
N ASN A 182 -15.68 -6.69 -13.18
CA ASN A 182 -16.11 -8.05 -12.85
C ASN A 182 -15.03 -9.05 -13.31
N VAL A 183 -14.30 -9.63 -12.35
CA VAL A 183 -13.17 -10.49 -12.70
C VAL A 183 -13.64 -11.92 -12.84
N VAL A 184 -13.22 -12.49 -13.96
CA VAL A 184 -13.50 -13.87 -14.31
C VAL A 184 -12.17 -14.53 -14.58
N MET A 185 -11.65 -15.24 -13.58
CA MET A 185 -10.41 -15.96 -13.82
C MET A 185 -10.65 -17.35 -14.41
N SER A 186 -9.73 -17.82 -15.25
CA SER A 186 -9.82 -19.18 -15.77
C SER A 186 -9.71 -20.26 -14.63
N SER A 187 -8.82 -20.05 -13.67
CA SER A 187 -8.73 -20.90 -12.48
C SER A 187 -9.94 -20.69 -11.57
N ARG A 188 -10.36 -21.75 -10.87
CA ARG A 188 -11.53 -21.69 -9.98
C ARG A 188 -11.18 -21.83 -8.51
N ALA A 189 -9.89 -21.77 -8.19
CA ALA A 189 -9.39 -21.99 -6.81
C ALA A 189 -10.00 -21.10 -5.71
N ALA A 190 -10.32 -19.86 -6.05
CA ALA A 190 -11.05 -18.98 -5.14
C ALA A 190 -12.44 -19.52 -4.77
N PHE A 191 -13.05 -20.24 -5.70
CA PHE A 191 -14.41 -20.75 -5.56
C PHE A 191 -14.49 -22.17 -5.02
N THR A 192 -13.47 -22.97 -5.29
CA THR A 192 -13.38 -24.32 -4.80
C THR A 192 -12.65 -24.44 -3.45
N GLN A 193 -11.96 -23.37 -3.00
CA GLN A 193 -11.03 -23.44 -1.82
C GLN A 193 -9.93 -24.49 -2.00
N GLU A 194 -9.67 -24.89 -3.24
CA GLU A 194 -8.66 -25.87 -3.53
C GLU A 194 -7.32 -25.28 -3.07
N LEU A 195 -6.47 -26.20 -2.61
CA LEU A 195 -5.19 -25.85 -2.04
C LEU A 195 -4.09 -25.69 -3.08
N VAL A 196 -3.28 -24.64 -2.94
CA VAL A 196 -2.17 -24.37 -3.85
C VAL A 196 -0.96 -24.14 -2.98
N ARG A 197 0.09 -24.92 -3.22
CA ARG A 197 1.23 -24.99 -2.31
C ARG A 197 0.61 -25.22 -0.91
N GLY A 198 -0.47 -25.98 -0.86
CA GLY A 198 -1.17 -26.22 0.41
C GLY A 198 -1.82 -25.05 1.16
N LYS A 199 -1.93 -23.89 0.52
CA LYS A 199 -2.69 -22.76 1.08
C LYS A 199 -3.94 -22.48 0.20
N SER A 200 -5.00 -22.05 0.87
CA SER A 200 -6.24 -21.60 0.18
C SER A 200 -6.55 -20.12 0.37
N VAL A 201 -7.02 -19.50 -0.69
CA VAL A 201 -7.51 -18.12 -0.61
C VAL A 201 -8.88 -18.02 -1.25
N CYS A 202 -9.83 -17.44 -0.53
CA CYS A 202 -11.23 -17.41 -0.93
C CYS A 202 -11.71 -16.05 -1.45
N VAL A 203 -12.91 -16.03 -2.04
CA VAL A 203 -13.43 -14.84 -2.67
C VAL A 203 -13.62 -13.67 -1.75
N ALA A 204 -14.10 -13.91 -0.53
CA ALA A 204 -14.28 -12.83 0.44
C ALA A 204 -12.92 -12.14 0.80
N GLU A 205 -11.84 -12.93 0.79
CA GLU A 205 -10.48 -12.41 0.91
C GLU A 205 -10.07 -11.52 -0.27
N LEU A 206 -10.26 -11.99 -1.48
CA LEU A 206 -9.89 -11.18 -2.63
C LEU A 206 -10.62 -9.83 -2.64
N GLU A 207 -11.88 -9.83 -2.21
CA GLU A 207 -12.63 -8.59 -2.02
C GLU A 207 -12.04 -7.70 -0.91
N ALA A 208 -11.62 -8.33 0.17
CA ALA A 208 -10.98 -7.57 1.23
C ALA A 208 -9.67 -6.92 0.75
N ILE A 209 -8.88 -7.66 -0.05
CA ILE A 209 -7.67 -7.11 -0.71
C ILE A 209 -8.04 -5.96 -1.64
N CYS A 210 -8.99 -6.18 -2.55
CA CYS A 210 -9.40 -5.14 -3.49
C CYS A 210 -9.81 -3.89 -2.74
N THR A 211 -10.68 -4.04 -1.74
CA THR A 211 -11.12 -2.91 -0.91
C THR A 211 -9.94 -2.19 -0.25
N SER A 212 -9.02 -2.97 0.33
CA SER A 212 -7.85 -2.39 0.96
C SER A 212 -6.87 -1.74 -0.01
N VAL A 213 -6.62 -2.34 -1.17
CA VAL A 213 -5.71 -1.71 -2.12
C VAL A 213 -6.31 -0.34 -2.54
N GLN A 214 -7.57 -0.36 -2.93
CA GLN A 214 -8.24 0.88 -3.31
C GLN A 214 -8.45 1.93 -2.20
N LEU A 215 -8.69 1.51 -0.97
CA LEU A 215 -8.71 2.47 0.12
C LEU A 215 -7.33 3.11 0.21
N CYS A 216 -6.31 2.30 -0.01
CA CYS A 216 -4.96 2.79 0.00
C CYS A 216 -4.73 3.83 -1.09
N GLN A 217 -5.16 3.56 -2.31
CA GLN A 217 -5.05 4.56 -3.38
C GLN A 217 -5.79 5.86 -3.05
N ARG A 218 -6.91 5.78 -2.31
CA ARG A 218 -7.69 6.95 -1.96
C ARG A 218 -7.00 7.82 -0.96
N LEU A 219 -6.57 7.24 0.14
CA LEU A 219 -5.86 7.98 1.17
C LEU A 219 -4.60 8.64 0.60
N VAL A 220 -3.83 7.91 -0.20
CA VAL A 220 -2.61 8.45 -0.79
C VAL A 220 -2.91 9.61 -1.73
N ASP A 221 -3.79 9.35 -2.69
CA ASP A 221 -4.23 10.34 -3.70
C ASP A 221 -4.79 11.60 -3.10
N THR A 222 -5.53 11.51 -1.98
CA THR A 222 -6.13 12.70 -1.38
C THR A 222 -5.08 13.74 -0.99
N PRO A 223 -5.28 15.01 -1.36
CA PRO A 223 -4.35 16.00 -0.91
C PRO A 223 -4.46 16.30 0.59
N PRO A 224 -3.41 16.88 1.19
CA PRO A 224 -3.30 17.18 2.61
C PRO A 224 -4.15 18.31 3.13
N CYS A 225 -4.61 19.16 2.24
CA CYS A 225 -5.67 20.13 2.58
C CYS A 225 -6.90 19.41 3.11
N MET A 226 -7.05 18.14 2.73
CA MET A 226 -8.14 17.27 3.21
C MET A 226 -7.67 16.13 4.10
N LEU A 227 -6.72 15.35 3.61
CA LEU A 227 -6.14 14.31 4.42
C LEU A 227 -4.92 14.81 5.17
N ASP A 228 -5.18 15.34 6.35
CA ASP A 228 -4.14 15.78 7.27
C ASP A 228 -4.08 14.78 8.41
N THR A 229 -3.32 15.09 9.43
CA THR A 229 -3.12 14.15 10.52
C THR A 229 -4.32 13.96 11.41
N VAL A 230 -5.17 14.97 11.53
CA VAL A 230 -6.36 14.84 12.38
C VAL A 230 -7.42 14.00 11.68
N VAL A 231 -7.49 14.14 10.37
CA VAL A 231 -8.50 13.46 9.60
C VAL A 231 -8.09 12.01 9.49
N TYR A 232 -6.86 11.79 9.02
CA TYR A 232 -6.26 10.46 8.96
C TYR A 232 -6.45 9.73 10.29
N ALA A 233 -6.31 10.44 11.41
CA ALA A 233 -6.55 9.81 12.73
C ALA A 233 -8.01 9.47 13.04
N GLU A 234 -8.92 10.34 12.65
CA GLU A 234 -10.33 10.06 12.83
C GLU A 234 -10.76 8.78 12.04
N ILE A 235 -10.12 8.59 10.88
CA ILE A 235 -10.41 7.49 10.01
C ILE A 235 -9.95 6.22 10.70
N ALA A 236 -8.70 6.24 11.13
CA ALA A 236 -8.10 5.12 11.87
C ALA A 236 -8.95 4.73 13.07
N ALA A 237 -9.45 5.71 13.82
CA ALA A 237 -10.41 5.42 14.90
C ALA A 237 -11.66 4.64 14.42
N ALA A 238 -12.36 5.13 13.40
CA ALA A 238 -13.54 4.42 12.89
C ALA A 238 -13.22 2.98 12.49
N TYR A 239 -12.09 2.76 11.84
CA TYR A 239 -11.72 1.40 11.45
C TYR A 239 -11.43 0.59 12.73
N ALA A 240 -10.93 1.24 13.76
CA ALA A 240 -10.71 0.57 15.05
C ALA A 240 -12.01 0.09 15.68
N ALA A 241 -12.99 0.97 15.75
CA ALA A 241 -14.27 0.59 16.32
C ALA A 241 -15.05 -0.38 15.41
N GLU A 242 -14.81 -0.36 14.10
CA GLU A 242 -15.50 -1.29 13.18
C GLU A 242 -15.00 -2.71 13.46
N LEU A 243 -13.68 -2.84 13.41
CA LEU A 243 -12.98 -4.12 13.58
C LEU A 243 -12.85 -4.57 15.02
N GLY A 244 -13.19 -3.72 15.99
CA GLY A 244 -13.25 -4.11 17.40
C GLY A 244 -11.87 -4.35 17.98
N VAL A 245 -10.93 -3.46 17.69
CA VAL A 245 -9.52 -3.64 18.08
C VAL A 245 -9.08 -2.57 19.07
N ASP A 246 -7.95 -2.81 19.75
CA ASP A 246 -7.45 -1.82 20.69
C ASP A 246 -6.74 -0.74 19.88
N MET A 247 -6.81 0.49 20.35
CA MET A 247 -6.17 1.61 19.70
C MET A 247 -5.43 2.42 20.75
N THR A 248 -4.19 2.79 20.44
CA THR A 248 -3.42 3.73 21.26
C THR A 248 -3.01 4.91 20.40
N VAL A 249 -3.33 6.12 20.86
CA VAL A 249 -2.98 7.36 20.15
C VAL A 249 -2.17 8.21 21.08
N ILE A 250 -0.99 8.65 20.65
CA ILE A 250 -0.27 9.71 21.38
C ILE A 250 -0.27 10.93 20.48
N LYS A 251 -0.78 12.06 20.96
CA LYS A 251 -1.01 13.23 20.10
C LYS A 251 -0.33 14.51 20.61
N GLY A 252 0.26 15.28 19.69
CA GLY A 252 0.68 16.66 19.93
C GLY A 252 1.67 16.80 21.07
N ASP A 253 1.32 17.54 22.12
CA ASP A 253 2.18 17.71 23.31
C ASP A 253 2.40 16.43 24.11
N GLU A 254 1.45 15.50 24.04
CA GLU A 254 1.60 14.17 24.63
C GLU A 254 2.87 13.46 24.13
N LEU A 255 3.28 13.73 22.89
CA LEU A 255 4.50 13.14 22.32
C LEU A 255 5.72 13.67 23.00
N ARG A 256 5.80 14.98 23.04
CA ARG A 256 6.89 15.64 23.71
C ARG A 256 6.91 15.31 25.21
N GLU A 257 5.77 15.41 25.90
CA GLU A 257 5.69 15.09 27.35
C GLU A 257 6.16 13.65 27.64
N LYS A 258 5.79 12.71 26.78
CA LYS A 258 6.13 11.31 27.02
C LYS A 258 7.43 10.88 26.35
N GLY A 259 8.25 11.82 25.90
CA GLY A 259 9.58 11.51 25.40
C GLY A 259 9.77 11.12 23.94
N TYR A 260 8.74 11.24 23.09
CA TYR A 260 8.91 11.00 21.61
C TYR A 260 9.41 12.25 20.87
N GLY A 261 10.64 12.65 21.19
CA GLY A 261 11.20 13.89 20.68
C GLY A 261 11.36 13.94 19.16
N GLY A 262 11.60 12.80 18.54
CA GLY A 262 11.89 12.75 17.11
C GLY A 262 10.67 13.12 16.31
N ILE A 263 9.56 12.46 16.58
CA ILE A 263 8.35 12.75 15.83
C ILE A 263 7.68 14.07 16.26
N TYR A 264 7.74 14.42 17.54
CA TYR A 264 7.24 15.72 17.95
C TYR A 264 8.00 16.87 17.27
N ALA A 265 9.34 16.73 17.18
CA ALA A 265 10.17 17.73 16.50
C ALA A 265 9.75 17.95 15.05
N VAL A 266 9.49 16.84 14.33
CA VAL A 266 9.25 16.90 12.89
C VAL A 266 7.94 17.61 12.58
N GLY A 267 6.92 17.29 13.39
CA GLY A 267 5.57 17.76 13.15
C GLY A 267 5.12 18.96 13.94
N LYS A 268 6.02 19.54 14.73
CA LYS A 268 5.63 20.63 15.65
C LYS A 268 5.26 21.94 14.98
N CYS A 269 5.73 22.11 13.75
CA CYS A 269 5.50 23.34 12.99
C CYS A 269 4.18 23.36 12.27
N ALA A 270 3.64 22.19 11.98
CA ALA A 270 2.51 22.06 11.12
C ALA A 270 1.24 22.64 11.71
N GLN A 271 0.36 23.08 10.81
CA GLN A 271 -0.98 23.45 11.16
C GLN A 271 -1.55 22.42 12.11
N TYR A 272 -1.77 21.20 11.64
CA TYR A 272 -2.35 20.17 12.51
C TYR A 272 -1.29 19.21 13.04
N PRO A 273 -1.43 18.78 14.31
CA PRO A 273 -0.30 18.19 15.05
C PRO A 273 0.06 16.73 14.74
N ALA A 274 1.20 16.31 15.28
CA ALA A 274 1.68 14.96 15.11
C ALA A 274 0.86 13.92 15.92
N HIS A 275 0.84 12.68 15.42
CA HIS A 275 0.23 11.56 16.15
C HIS A 275 1.05 10.31 15.94
N LEU A 276 1.24 9.56 17.01
CA LEU A 276 1.49 8.14 16.87
C LEU A 276 0.17 7.43 17.11
N VAL A 277 -0.27 6.70 16.10
CA VAL A 277 -1.52 5.99 16.18
C VAL A 277 -1.18 4.54 15.95
N THR A 278 -1.59 3.69 16.88
CA THR A 278 -1.36 2.26 16.77
C THR A 278 -2.65 1.49 16.99
N LEU A 279 -2.94 0.59 16.05
CA LEU A 279 -4.06 -0.34 16.14
C LEU A 279 -3.46 -1.70 16.33
N ARG A 280 -4.09 -2.51 17.17
CA ARG A 280 -3.61 -3.88 17.41
C ARG A 280 -4.75 -4.86 17.75
N TYR A 281 -4.62 -6.07 17.21
CA TYR A 281 -5.57 -7.17 17.43
C TYR A 281 -4.81 -8.36 17.99
N ARG A 282 -5.34 -8.91 19.10
CA ARG A 282 -5.04 -10.28 19.51
C ARG A 282 -6.01 -11.21 18.81
N ASN A 283 -5.45 -12.19 18.12
CA ASN A 283 -6.22 -13.17 17.39
C ASN A 283 -6.76 -14.22 18.38
N PRO A 284 -8.09 -14.33 18.49
CA PRO A 284 -8.62 -15.33 19.42
C PRO A 284 -8.35 -16.74 18.97
N ASN A 285 -8.23 -17.00 17.66
CA ASN A 285 -7.98 -18.36 17.14
C ASN A 285 -6.51 -18.64 16.82
N ALA A 286 -5.62 -18.00 17.54
CA ALA A 286 -4.21 -18.21 17.35
C ALA A 286 -3.80 -19.61 17.79
N ALA A 287 -3.03 -20.30 16.94
CA ALA A 287 -2.49 -21.62 17.20
C ALA A 287 -1.31 -21.54 18.13
N GLU A 288 -0.82 -22.70 18.56
CA GLU A 288 0.25 -22.78 19.57
C GLU A 288 1.50 -21.98 19.10
N GLY A 289 1.94 -22.25 17.86
CA GLY A 289 3.17 -21.60 17.34
C GLY A 289 3.10 -20.11 17.01
N ALA A 290 1.95 -19.45 17.17
CA ALA A 290 1.69 -18.19 16.49
C ALA A 290 2.62 -17.04 16.90
N LYS A 291 3.20 -16.38 15.91
CA LYS A 291 4.20 -15.34 16.12
C LYS A 291 3.47 -14.01 16.38
N ASN A 292 4.21 -13.00 16.81
CA ASN A 292 3.70 -11.61 16.93
C ASN A 292 4.29 -10.72 15.86
N ILE A 293 3.47 -9.80 15.34
CA ILE A 293 3.88 -8.99 14.22
C ILE A 293 3.55 -7.54 14.45
N ALA A 294 4.57 -6.69 14.42
CA ALA A 294 4.35 -5.26 14.48
C ALA A 294 4.69 -4.68 13.12
N MET A 295 3.90 -3.70 12.73
CA MET A 295 4.10 -3.00 11.48
C MET A 295 4.22 -1.50 11.75
N VAL A 296 5.02 -0.79 10.96
CA VAL A 296 5.21 0.65 11.14
C VAL A 296 5.35 1.35 9.80
N GLY A 297 4.68 2.49 9.66
CA GLY A 297 4.65 3.21 8.41
C GLY A 297 4.80 4.70 8.53
N LYS A 298 5.51 5.28 7.56
CA LYS A 298 5.70 6.72 7.46
C LYS A 298 4.39 7.34 7.01
N GLY A 299 3.75 8.08 7.91
CA GLY A 299 2.57 8.89 7.61
C GLY A 299 2.86 10.38 7.50
N ILE A 300 3.82 10.76 6.66
CA ILE A 300 4.08 12.17 6.43
C ILE A 300 3.05 12.64 5.40
N VAL A 301 2.04 13.35 5.89
CA VAL A 301 0.89 13.71 5.05
C VAL A 301 1.25 14.73 3.97
N TYR A 302 2.22 15.58 4.30
CA TYR A 302 2.86 16.39 3.30
C TYR A 302 4.28 16.67 3.70
N ASP A 303 5.21 16.50 2.76
CA ASP A 303 6.62 16.78 2.99
C ASP A 303 7.05 17.96 2.17
N CYS A 304 7.07 19.14 2.80
CA CYS A 304 7.54 20.34 2.08
C CYS A 304 9.08 20.43 2.06
N GLY A 305 9.71 19.61 2.89
CA GLY A 305 11.15 19.62 3.02
C GLY A 305 11.65 20.22 4.32
N GLY A 306 10.74 20.81 5.10
CA GLY A 306 11.14 21.68 6.19
C GLY A 306 11.91 22.88 5.66
N LEU A 307 12.87 23.34 6.48
CA LEU A 307 13.72 24.51 6.13
C LEU A 307 14.69 24.18 4.99
N ALA A 308 14.93 22.88 4.80
CA ALA A 308 15.65 22.34 3.68
C ALA A 308 14.56 22.11 2.66
N LEU A 309 13.94 23.23 2.34
CA LEU A 309 12.74 23.28 1.57
C LEU A 309 13.09 22.73 0.21
N LYS A 310 12.24 21.83 -0.27
CA LYS A 310 12.36 21.24 -1.58
C LYS A 310 12.02 22.26 -2.65
N PRO A 311 12.65 22.12 -3.83
CA PRO A 311 12.19 22.86 -5.01
C PRO A 311 10.81 22.39 -5.47
N ALA A 312 10.16 23.23 -6.27
CA ALA A 312 8.81 23.03 -6.82
C ALA A 312 8.57 21.64 -7.43
N ALA A 313 9.55 21.14 -8.20
CA ALA A 313 9.42 19.93 -9.02
C ALA A 313 9.68 18.63 -8.25
N HIS A 314 10.45 18.72 -7.16
CA HIS A 314 10.58 17.61 -6.20
C HIS A 314 9.46 17.60 -5.12
N MET A 315 8.86 18.76 -4.89
CA MET A 315 7.83 18.91 -3.87
C MET A 315 6.42 18.45 -4.29
N THR A 316 6.06 18.49 -5.57
CA THR A 316 4.78 17.95 -5.95
C THR A 316 4.79 16.44 -5.76
N ASN A 317 3.64 15.87 -5.45
CA ASN A 317 3.50 14.46 -5.20
C ASN A 317 3.88 14.05 -3.79
N MET A 318 4.15 15.01 -2.91
CA MET A 318 4.47 14.72 -1.53
C MET A 318 3.24 14.61 -0.66
N LYS A 319 2.11 14.74 -1.32
CA LYS A 319 0.85 14.10 -1.12
C LYS A 319 1.03 12.66 -0.73
N THR A 320 1.90 11.99 -1.43
CA THR A 320 2.07 10.57 -1.35
C THR A 320 3.10 10.16 -0.35
N ASP A 321 3.68 11.11 0.35
CA ASP A 321 4.67 10.78 1.33
C ASP A 321 4.06 10.09 2.59
N MET A 322 2.74 9.87 2.61
CA MET A 322 2.12 8.98 3.61
C MET A 322 1.77 7.56 3.09
N GLY A 323 2.41 7.18 1.98
CA GLY A 323 2.20 5.89 1.33
C GLY A 323 2.57 4.68 2.15
N GLY A 324 3.75 4.70 2.77
CA GLY A 324 4.16 3.59 3.59
C GLY A 324 3.14 3.34 4.66
N SER A 325 2.70 4.42 5.27
CA SER A 325 1.64 4.40 6.28
C SER A 325 0.39 3.70 5.77
N ALA A 326 -0.13 4.14 4.65
CA ALA A 326 -1.40 3.61 4.17
C ALA A 326 -1.31 2.15 3.73
N GLY A 327 -0.22 1.77 3.05
CA GLY A 327 0.06 0.38 2.72
C GLY A 327 -0.11 -0.55 3.92
N VAL A 328 0.64 -0.31 5.00
CA VAL A 328 0.51 -1.12 6.22
C VAL A 328 -0.83 -0.93 6.95
N PHE A 329 -1.40 0.27 6.96
CA PHE A 329 -2.71 0.47 7.61
C PHE A 329 -3.78 -0.39 6.93
N CYS A 330 -3.85 -0.30 5.60
CA CYS A 330 -4.85 -1.04 4.86
C CYS A 330 -4.53 -2.55 4.81
N ALA A 331 -3.27 -2.94 4.83
CA ALA A 331 -2.91 -4.35 5.05
C ALA A 331 -3.43 -4.84 6.40
N PHE A 332 -3.20 -4.10 7.46
CA PHE A 332 -3.82 -4.45 8.77
C PHE A 332 -5.33 -4.77 8.67
N ILE A 333 -6.06 -3.94 7.93
CA ILE A 333 -7.51 -4.05 7.80
C ILE A 333 -7.90 -5.34 7.11
N ALA A 334 -7.22 -5.63 6.01
CA ALA A 334 -7.48 -6.80 5.21
C ALA A 334 -7.16 -8.09 5.98
N VAL A 335 -5.98 -8.12 6.60
CA VAL A 335 -5.57 -9.23 7.45
C VAL A 335 -6.57 -9.46 8.56
N VAL A 336 -6.84 -8.45 9.38
CA VAL A 336 -7.87 -8.62 10.40
C VAL A 336 -9.22 -9.05 9.83
N ARG A 337 -9.59 -8.54 8.67
CA ARG A 337 -10.87 -8.93 8.07
C ARG A 337 -10.87 -10.40 7.72
N SER A 338 -9.72 -10.88 7.25
CA SER A 338 -9.58 -12.28 6.88
C SER A 338 -9.69 -13.17 8.16
N MET A 339 -9.00 -12.75 9.23
CA MET A 339 -9.08 -13.40 10.54
C MET A 339 -10.51 -13.57 11.03
N LYS A 340 -11.33 -12.54 10.87
CA LYS A 340 -12.74 -12.58 11.26
C LYS A 340 -13.62 -13.45 10.36
N MET A 341 -13.13 -13.75 9.15
CA MET A 341 -13.83 -14.63 8.20
C MET A 341 -13.77 -16.13 8.50
N GLN A 342 -12.59 -16.68 8.80
CA GLN A 342 -12.48 -18.11 9.18
C GLN A 342 -11.41 -18.36 10.27
N ARG A 343 -11.67 -19.39 11.07
CA ARG A 343 -10.91 -19.75 12.29
C ARG A 343 -9.41 -19.90 12.01
N THR A 344 -9.12 -20.41 10.82
CA THR A 344 -7.81 -20.93 10.45
C THR A 344 -6.95 -19.94 9.66
N HIS A 345 -7.57 -18.88 9.13
CA HIS A 345 -6.94 -18.03 8.09
C HIS A 345 -5.64 -17.34 8.42
N PHE A 346 -5.47 -16.74 9.58
CA PHE A 346 -4.07 -16.33 9.89
C PHE A 346 -3.72 -16.94 11.21
N SER A 347 -3.95 -18.25 11.31
CA SER A 347 -3.87 -18.96 12.61
C SER A 347 -2.49 -18.88 13.29
N HIS A 348 -1.46 -18.74 12.47
CA HIS A 348 -0.06 -18.67 12.87
C HIS A 348 0.34 -17.23 13.27
N ILE A 349 -0.65 -16.37 13.55
CA ILE A 349 -0.37 -15.02 13.99
C ILE A 349 -1.17 -14.79 15.27
N ALA A 350 -0.46 -14.41 16.33
CA ALA A 350 -1.07 -14.20 17.65
C ALA A 350 -1.47 -12.75 17.87
N ASN A 351 -0.52 -11.84 17.72
CA ASN A 351 -0.78 -10.40 17.78
C ASN A 351 -0.32 -9.64 16.58
N ILE A 352 -1.20 -8.79 16.04
CA ILE A 352 -0.78 -7.86 14.99
C ILE A 352 -1.03 -6.43 15.41
N SER A 353 -0.08 -5.58 15.04
CA SER A 353 -0.02 -4.20 15.51
C SER A 353 0.28 -3.37 14.29
N VAL A 354 -0.34 -2.22 14.15
CA VAL A 354 0.09 -1.28 13.10
C VAL A 354 0.24 0.09 13.70
N THR A 355 1.40 0.70 13.46
CA THR A 355 1.72 2.02 14.01
C THR A 355 1.86 3.05 12.89
N LEU A 356 1.02 4.06 12.95
CA LEU A 356 1.08 5.14 11.98
C LEU A 356 1.83 6.31 12.53
N CYS A 357 2.93 6.65 11.85
CA CYS A 357 3.73 7.79 12.29
C CYS A 357 3.29 9.05 11.58
N LEU A 358 2.34 9.77 12.17
CA LEU A 358 1.64 10.88 11.49
C LEU A 358 2.22 12.23 11.80
N ALA A 359 2.38 13.05 10.75
CA ALA A 359 2.93 14.41 10.84
C ALA A 359 3.00 15.05 9.48
N GLU A 360 2.88 16.38 9.43
CA GLU A 360 3.30 17.14 8.23
C GLU A 360 4.64 17.74 8.52
N ASN A 361 5.57 17.59 7.59
CA ASN A 361 6.84 18.32 7.61
C ASN A 361 6.68 19.71 6.95
N ALA A 362 6.41 20.70 7.80
CA ALA A 362 6.04 22.03 7.35
C ALA A 362 7.17 22.97 7.67
N ILE A 363 7.18 24.12 7.01
CA ILE A 363 8.29 25.08 7.09
C ILE A 363 7.78 26.35 7.75
N GLY A 364 8.58 26.94 8.63
CA GLY A 364 8.12 28.03 9.49
C GLY A 364 9.00 28.32 10.70
N PRO A 365 8.54 29.21 11.59
CA PRO A 365 9.34 29.59 12.78
C PRO A 365 9.53 28.46 13.77
N HIS A 366 8.49 27.66 13.98
CA HIS A 366 8.51 26.53 14.93
C HIS A 366 9.18 25.28 14.30
N SER A 367 9.77 25.42 13.11
CA SER A 367 10.46 24.31 12.42
C SER A 367 11.76 23.85 13.12
N TYR A 368 11.95 22.54 13.09
CA TYR A 368 13.16 21.95 13.56
C TYR A 368 14.18 22.24 12.47
N ARG A 369 15.38 22.57 12.91
CA ARG A 369 16.36 23.27 12.11
C ARG A 369 17.49 22.34 11.66
N ASN A 370 18.23 22.75 10.64
CA ASN A 370 19.43 21.99 10.31
C ASN A 370 20.43 22.45 11.34
N ASP A 371 20.67 21.60 12.35
CA ASP A 371 21.55 21.83 13.54
C ASP A 371 20.89 21.49 14.90
N ASP A 372 19.57 21.51 14.98
CA ASP A 372 18.84 21.06 16.18
C ASP A 372 19.25 19.64 16.55
N VAL A 373 19.20 19.37 17.85
CA VAL A 373 19.59 18.08 18.38
C VAL A 373 18.39 17.56 19.09
N VAL A 374 18.03 16.35 18.77
CA VAL A 374 16.77 15.85 19.18
C VAL A 374 17.00 14.52 19.90
N VAL A 375 16.24 14.32 20.97
CA VAL A 375 16.35 13.11 21.77
C VAL A 375 15.15 12.23 21.47
N MET A 376 15.42 11.12 20.82
CA MET A 376 14.41 10.22 20.38
C MET A 376 13.89 9.46 21.60
N LYS A 377 12.73 8.84 21.47
CA LYS A 377 12.25 7.97 22.51
C LYS A 377 13.23 6.93 22.97
N SER A 378 14.00 6.39 22.05
CA SER A 378 14.91 5.33 22.36
C SER A 378 16.06 5.74 23.25
N GLY A 379 16.16 7.05 23.53
CA GLY A 379 17.29 7.64 24.25
C GLY A 379 18.45 8.16 23.39
N LYS A 380 18.55 7.67 22.15
CA LYS A 380 19.62 8.05 21.25
C LYS A 380 19.40 9.50 20.78
N SER A 381 20.47 10.29 20.81
CA SER A 381 20.41 11.70 20.42
C SER A 381 20.72 11.86 18.94
N VAL A 382 20.01 12.73 18.25
CA VAL A 382 20.18 12.86 16.81
C VAL A 382 20.48 14.27 16.40
N GLU A 383 21.52 14.46 15.61
CA GLU A 383 21.85 15.79 15.10
C GLU A 383 21.24 15.98 13.71
N VAL A 384 20.24 16.83 13.62
CA VAL A 384 19.53 17.07 12.37
C VAL A 384 20.37 17.90 11.44
N MET A 385 20.87 17.31 10.37
CA MET A 385 21.64 18.05 9.35
C MET A 385 20.83 18.45 8.14
N ASN A 386 19.78 17.69 7.85
CA ASN A 386 18.86 18.00 6.80
C ASN A 386 17.48 17.70 7.25
N THR A 387 16.63 18.71 7.32
CA THR A 387 15.27 18.52 7.81
C THR A 387 14.36 17.79 6.80
N ASP A 388 14.83 17.62 5.57
CA ASP A 388 14.08 16.84 4.60
C ASP A 388 14.21 15.31 4.74
N ALA A 389 15.15 14.85 5.58
CA ALA A 389 15.17 13.47 6.03
C ALA A 389 14.40 13.35 7.34
N GLU A 390 13.11 13.58 7.22
CA GLU A 390 12.16 13.55 8.30
C GLU A 390 11.54 12.16 8.54
N GLY A 391 11.60 11.30 7.52
CA GLY A 391 10.99 9.97 7.57
C GLY A 391 11.66 9.07 8.57
N ARG A 392 12.97 8.88 8.39
CA ARG A 392 13.89 8.33 9.39
C ARG A 392 13.50 8.63 10.83
N ILE A 393 13.24 9.91 11.10
CA ILE A 393 13.10 10.41 12.44
C ILE A 393 11.80 9.99 13.05
N VAL A 394 10.71 10.29 12.38
CA VAL A 394 9.40 9.95 12.93
C VAL A 394 9.28 8.43 13.07
N LEU A 395 9.88 7.70 12.14
CA LEU A 395 9.81 6.26 12.12
C LEU A 395 10.64 5.67 13.24
N GLY A 396 11.75 6.32 13.54
CA GLY A 396 12.52 5.98 14.69
C GLY A 396 11.65 5.93 15.93
N ASP A 397 10.87 6.95 16.22
CA ASP A 397 9.99 6.89 17.41
C ASP A 397 8.90 5.81 17.19
N GLY A 398 8.53 5.57 15.96
CA GLY A 398 7.50 4.59 15.66
C GLY A 398 7.92 3.18 16.00
N VAL A 399 9.12 2.81 15.57
CA VAL A 399 9.57 1.48 15.78
C VAL A 399 9.86 1.26 17.27
N TYR A 400 10.37 2.28 17.97
CA TYR A 400 10.58 2.15 19.40
C TYR A 400 9.25 1.91 20.12
N TYR A 401 8.26 2.73 19.84
CA TYR A 401 6.92 2.46 20.38
C TYR A 401 6.46 1.01 20.18
N ALA A 402 6.61 0.52 18.96
CA ALA A 402 6.06 -0.76 18.58
C ALA A 402 6.86 -1.89 19.20
N THR A 403 8.16 -1.69 19.38
CA THR A 403 9.03 -2.73 19.95
C THR A 403 9.24 -2.66 21.42
N GLY A 404 9.07 -1.48 22.01
CA GLY A 404 9.35 -1.26 23.42
C GLY A 404 8.24 -0.70 24.31
N GLU A 405 7.09 -0.34 23.76
CA GLU A 405 6.04 0.26 24.59
C GLU A 405 4.70 -0.50 24.60
N GLN A 406 4.55 -1.49 23.73
CA GLN A 406 3.35 -2.30 23.71
C GLN A 406 3.42 -3.37 24.79
N ASP A 407 2.26 -3.95 25.11
CA ASP A 407 2.21 -5.06 26.09
C ASP A 407 2.55 -6.46 25.57
N PHE A 408 3.04 -6.58 24.33
CA PHE A 408 3.69 -7.80 23.80
C PHE A 408 4.95 -7.40 23.03
N VAL A 409 5.91 -8.29 22.89
CA VAL A 409 7.14 -7.98 22.16
C VAL A 409 7.02 -8.55 20.79
N PRO A 410 7.14 -7.75 19.72
CA PRO A 410 7.06 -8.37 18.40
C PRO A 410 8.18 -9.39 18.09
N ASP A 411 7.85 -10.36 17.26
CA ASP A 411 8.85 -11.26 16.71
C ASP A 411 9.28 -10.90 15.31
N VAL A 412 8.62 -9.91 14.72
CA VAL A 412 9.07 -9.35 13.45
C VAL A 412 8.54 -7.95 13.28
N LEU A 413 9.40 -7.05 12.83
CA LEU A 413 9.02 -5.68 12.59
C LEU A 413 9.13 -5.32 11.13
N ILE A 414 8.00 -4.89 10.56
CA ILE A 414 7.95 -4.46 9.17
C ILE A 414 7.82 -2.95 9.10
N ASP A 415 8.84 -2.32 8.52
CA ASP A 415 8.91 -0.87 8.39
C ASP A 415 8.64 -0.53 6.95
N MET A 416 7.68 0.34 6.71
CA MET A 416 7.32 0.69 5.34
C MET A 416 7.19 2.17 5.20
N ALA A 417 7.86 2.72 4.19
CA ALA A 417 8.03 4.14 4.07
C ALA A 417 8.41 4.56 2.65
N THR A 418 7.85 5.68 2.18
CA THR A 418 8.31 6.38 0.96
C THR A 418 9.52 7.21 1.38
N LEU A 419 10.67 6.59 1.45
CA LEU A 419 11.68 7.17 2.28
C LEU A 419 12.62 8.09 1.52
N THR A 420 13.12 7.62 0.37
CA THR A 420 14.27 8.23 -0.30
C THR A 420 14.19 8.15 -1.81
N GLY A 421 14.79 9.13 -2.48
CA GLY A 421 15.04 9.07 -3.92
C GLY A 421 16.18 8.13 -4.31
N ALA A 422 17.06 7.83 -3.38
CA ALA A 422 18.13 6.89 -3.62
C ALA A 422 17.54 5.53 -4.01
N GLN A 423 16.43 5.21 -3.38
CA GLN A 423 15.64 4.04 -3.75
C GLN A 423 15.44 3.90 -5.23
N GLY A 424 14.96 4.96 -5.88
CA GLY A 424 14.72 4.92 -7.34
C GLY A 424 16.00 4.64 -8.14
N VAL A 425 17.10 5.26 -7.71
CA VAL A 425 18.38 5.07 -8.37
C VAL A 425 18.84 3.62 -8.20
N ALA A 426 18.59 3.07 -7.02
CA ALA A 426 18.96 1.70 -6.68
C ALA A 426 18.22 0.65 -7.49
N THR A 427 16.89 0.66 -7.32
CA THR A 427 16.01 -0.44 -7.72
C THR A 427 14.84 -0.01 -8.64
N GLY A 428 14.91 1.17 -9.23
CA GLY A 428 13.90 1.59 -10.23
C GLY A 428 12.59 2.03 -9.62
N SER A 429 11.54 2.11 -10.43
CA SER A 429 10.28 2.71 -9.97
C SER A 429 9.16 1.73 -9.66
N LYS A 430 9.41 0.45 -9.89
CA LYS A 430 8.45 -0.62 -9.64
C LYS A 430 8.84 -1.51 -8.46
N HIS A 431 10.14 -1.64 -8.20
CA HIS A 431 10.64 -2.45 -7.06
C HIS A 431 10.98 -1.59 -5.84
N ALA A 432 10.36 -1.89 -4.72
CA ALA A 432 10.78 -1.32 -3.47
C ALA A 432 12.18 -1.84 -3.09
N GLY A 433 12.83 -1.09 -2.20
CA GLY A 433 14.13 -1.47 -1.62
C GLY A 433 13.93 -2.05 -0.25
N VAL A 434 14.44 -3.26 -0.04
CA VAL A 434 14.28 -3.94 1.22
C VAL A 434 15.64 -4.00 1.91
N TYR A 435 15.65 -3.48 3.12
CA TYR A 435 16.82 -3.40 3.97
C TYR A 435 16.49 -4.25 5.16
N ALA A 436 17.14 -5.40 5.23
CA ALA A 436 16.68 -6.46 6.11
C ALA A 436 17.79 -7.03 6.93
N SER A 437 17.57 -7.10 8.24
CA SER A 437 18.57 -7.64 9.20
C SER A 437 18.67 -9.16 9.29
N ASP A 438 17.92 -9.90 8.47
CA ASP A 438 17.91 -11.36 8.53
C ASP A 438 17.72 -11.84 7.10
N ALA A 439 18.72 -12.57 6.58
CA ALA A 439 18.73 -13.04 5.18
C ALA A 439 17.46 -13.83 4.79
N GLU A 440 16.91 -14.56 5.77
CA GLU A 440 15.71 -15.37 5.52
C GLU A 440 14.49 -14.43 5.36
N ALA A 441 14.40 -13.43 6.20
CA ALA A 441 13.31 -12.46 6.09
C ALA A 441 13.41 -11.60 4.80
N GLU A 442 14.62 -11.30 4.34
CA GLU A 442 14.84 -10.68 3.05
C GLU A 442 14.29 -11.55 1.91
N LYS A 443 14.77 -12.79 1.78
CA LYS A 443 14.25 -13.73 0.78
C LYS A 443 12.74 -13.84 0.78
N ASP A 444 12.15 -13.88 1.98
CA ASP A 444 10.71 -14.05 2.16
C ASP A 444 9.88 -12.84 1.70
N MET A 445 10.41 -11.66 1.93
CA MET A 445 9.78 -10.45 1.49
C MET A 445 9.90 -10.38 -0.03
N ILE A 446 11.05 -10.72 -0.60
CA ILE A 446 11.21 -10.73 -2.06
C ILE A 446 10.15 -11.63 -2.69
N SER A 447 10.01 -12.80 -2.11
CA SER A 447 9.03 -13.77 -2.57
C SER A 447 7.60 -13.35 -2.41
N ALA A 448 7.27 -12.62 -1.35
CA ALA A 448 5.90 -12.18 -1.21
C ALA A 448 5.62 -11.10 -2.26
N GLY A 449 6.66 -10.37 -2.63
CA GLY A 449 6.59 -9.45 -3.72
C GLY A 449 6.35 -10.10 -5.07
N LEU A 450 6.97 -11.23 -5.33
CA LEU A 450 6.74 -11.90 -6.62
C LEU A 450 5.37 -12.49 -6.72
N GLN A 451 4.89 -13.04 -5.62
CA GLN A 451 3.56 -13.62 -5.57
C GLN A 451 2.48 -12.55 -5.56
N SER A 452 2.75 -11.40 -4.94
CA SER A 452 1.74 -10.34 -4.79
C SER A 452 1.66 -9.37 -5.95
N GLY A 453 2.69 -9.29 -6.78
CA GLY A 453 2.83 -8.20 -7.74
C GLY A 453 3.20 -6.83 -7.19
N ASP A 454 3.54 -6.75 -5.89
CA ASP A 454 4.12 -5.55 -5.26
C ASP A 454 5.62 -5.84 -5.11
N LEU A 455 6.36 -5.56 -6.17
CA LEU A 455 7.73 -6.00 -6.27
C LEU A 455 8.71 -5.34 -5.27
N CYS A 456 9.87 -5.99 -5.17
CA CYS A 456 10.82 -5.84 -4.09
C CYS A 456 12.18 -6.22 -4.57
N TYR A 457 13.18 -5.63 -3.95
CA TYR A 457 14.55 -6.03 -4.24
C TYR A 457 15.43 -5.63 -3.11
N PRO A 458 16.32 -6.53 -2.67
CA PRO A 458 17.25 -6.29 -1.58
C PRO A 458 18.16 -5.09 -1.78
N VAL A 459 18.37 -4.31 -0.74
CA VAL A 459 19.50 -3.37 -0.77
C VAL A 459 20.50 -3.64 0.35
N LEU A 460 21.72 -3.22 0.08
CA LEU A 460 22.86 -3.45 0.94
C LEU A 460 22.51 -3.35 2.42
N TYR A 461 22.74 -4.42 3.19
CA TYR A 461 22.67 -4.36 4.66
C TYR A 461 24.10 -4.44 5.18
N CYS A 462 24.57 -3.37 5.83
CA CYS A 462 25.95 -3.28 6.24
C CYS A 462 26.11 -2.18 7.28
N PRO A 463 25.51 -2.35 8.47
CA PRO A 463 25.55 -1.35 9.53
C PRO A 463 26.94 -0.85 9.88
N GLU A 464 27.96 -1.70 9.80
CA GLU A 464 29.33 -1.21 10.09
C GLU A 464 29.75 -0.11 9.13
N TYR A 465 29.36 -0.20 7.88
CA TYR A 465 29.66 0.82 6.90
C TYR A 465 28.74 2.02 7.03
N HIS A 466 27.46 1.80 7.38
CA HIS A 466 26.51 2.91 7.59
C HIS A 466 26.85 3.69 8.87
N GLU A 467 27.25 3.00 9.92
CA GLU A 467 27.58 3.65 11.17
C GLU A 467 28.58 4.74 10.94
N GLU A 468 29.53 4.48 10.03
CA GLU A 468 30.65 5.38 9.85
C GLU A 468 30.40 6.55 8.92
N VAL A 469 29.21 6.68 8.34
CA VAL A 469 28.86 7.92 7.63
C VAL A 469 27.82 8.78 8.35
N TYR A 470 27.40 8.34 9.54
CA TYR A 470 26.43 9.05 10.40
C TYR A 470 27.05 9.64 11.68
N LYS A 471 28.38 9.57 11.80
CA LYS A 471 29.08 10.11 12.95
C LYS A 471 28.79 11.62 13.08
N SER A 472 28.40 12.03 14.29
CA SER A 472 28.26 13.41 14.67
C SER A 472 29.28 13.78 15.76
N PRO A 473 29.82 14.99 15.76
CA PRO A 473 30.66 15.45 16.86
C PRO A 473 29.96 15.73 18.21
N CYS A 474 28.63 15.85 18.26
CA CYS A 474 27.93 16.22 19.50
C CYS A 474 26.61 15.47 19.77
N ALA A 475 26.39 14.37 19.08
CA ALA A 475 25.22 13.55 19.30
C ALA A 475 25.54 12.14 18.87
N ASP A 476 24.65 11.23 19.19
CA ASP A 476 24.89 9.83 18.90
C ASP A 476 25.01 9.58 17.40
N MET A 477 24.19 10.29 16.62
CA MET A 477 24.22 10.20 15.17
C MET A 477 23.61 11.43 14.51
N ARG A 478 23.87 11.57 13.23
CA ARG A 478 23.16 12.57 12.42
C ARG A 478 21.96 11.91 11.82
N ASN A 479 21.20 12.62 10.99
CA ASN A 479 20.11 11.97 10.28
C ASN A 479 20.29 11.88 8.76
N ILE A 480 21.47 12.19 8.24
CA ILE A 480 21.80 12.06 6.80
C ILE A 480 23.28 11.71 6.78
N ALA A 481 23.78 11.08 5.74
CA ALA A 481 25.17 10.64 5.75
C ALA A 481 26.11 11.81 5.46
N ASN A 482 27.32 11.74 5.96
CA ASN A 482 28.35 12.74 5.68
C ASN A 482 28.94 12.64 4.27
N SER A 483 28.51 11.66 3.48
CA SER A 483 29.02 11.45 2.12
C SER A 483 27.84 11.30 1.13
N SER A 484 28.02 11.82 -0.08
CA SER A 484 27.19 11.45 -1.25
C SER A 484 27.52 9.98 -1.58
N SER A 485 26.61 9.30 -2.29
CA SER A 485 26.88 7.94 -2.80
C SER A 485 27.38 7.00 -1.67
N SER A 486 26.62 7.03 -0.59
CA SER A 486 26.82 6.12 0.52
C SER A 486 25.50 5.42 0.61
N ALA A 487 25.18 4.61 -0.40
CA ALA A 487 24.12 3.60 -0.29
C ALA A 487 22.90 4.15 0.43
N GLY A 488 22.24 5.09 -0.23
CA GLY A 488 21.30 5.99 0.38
C GLY A 488 20.06 5.34 0.96
N SER A 489 19.51 4.33 0.28
CA SER A 489 18.32 3.65 0.83
C SER A 489 18.65 2.83 2.05
N SER A 490 19.79 2.16 2.06
CA SER A 490 20.19 1.39 3.24
C SER A 490 20.40 2.30 4.44
N CYS A 491 21.06 3.43 4.20
CA CYS A 491 21.32 4.39 5.27
C CYS A 491 19.99 4.84 5.92
N GLY A 492 18.94 4.95 5.11
CA GLY A 492 17.65 5.29 5.63
C GLY A 492 17.12 4.22 6.54
N GLY A 493 17.28 2.97 6.14
CA GLY A 493 16.88 1.85 6.99
C GLY A 493 17.67 1.73 8.27
N TYR A 494 18.98 1.89 8.16
CA TYR A 494 19.91 1.84 9.31
C TYR A 494 19.58 2.87 10.38
N PHE A 495 19.21 4.06 9.95
CA PHE A 495 18.84 5.06 10.88
C PHE A 495 17.72 4.51 11.73
N VAL A 496 16.67 4.02 11.09
CA VAL A 496 15.49 3.50 11.79
C VAL A 496 15.83 2.28 12.64
N GLU A 497 16.67 1.42 12.10
CA GLU A 497 17.07 0.26 12.86
C GLU A 497 17.63 0.61 14.25
N GLN A 498 18.34 1.72 14.37
CA GLN A 498 18.99 2.02 15.64
C GLN A 498 18.03 2.31 16.75
N HIS A 499 16.76 2.55 16.45
CA HIS A 499 15.79 2.97 17.47
C HIS A 499 14.92 1.83 17.96
N LEU A 500 15.26 0.62 17.51
CA LEU A 500 14.53 -0.57 17.97
C LEU A 500 14.95 -0.82 19.39
N SER A 501 13.97 -0.91 20.27
CA SER A 501 14.19 -1.36 21.62
C SER A 501 15.07 -2.61 21.68
N GLU A 502 15.95 -2.63 22.67
CA GLU A 502 16.91 -3.73 22.85
C GLU A 502 16.21 -5.02 23.23
N ARG A 503 14.98 -4.95 23.74
CA ARG A 503 14.20 -6.17 24.03
C ARG A 503 13.73 -6.92 22.78
N PHE A 504 13.70 -6.25 21.63
CA PHE A 504 13.25 -6.87 20.41
C PHE A 504 14.43 -7.57 19.75
N ARG A 505 14.26 -8.83 19.42
CA ARG A 505 15.37 -9.70 19.02
C ARG A 505 15.24 -10.35 17.60
N GLY A 506 14.04 -10.32 16.99
CA GLY A 506 13.84 -10.89 15.64
C GLY A 506 14.03 -9.89 14.48
N PRO A 507 13.77 -10.32 13.24
CA PRO A 507 14.11 -9.52 12.09
C PRO A 507 13.43 -8.16 11.98
N PHE A 508 14.20 -7.21 11.45
CA PHE A 508 13.70 -5.90 11.10
C PHE A 508 13.75 -5.82 9.58
N VAL A 509 12.59 -5.58 8.96
CA VAL A 509 12.45 -5.55 7.50
C VAL A 509 11.93 -4.22 7.11
N HIS A 510 12.80 -3.45 6.45
CA HIS A 510 12.51 -2.10 6.03
C HIS A 510 12.22 -2.06 4.57
N VAL A 511 11.02 -1.60 4.20
CA VAL A 511 10.63 -1.50 2.80
C VAL A 511 10.53 -0.04 2.36
N ASP A 512 11.43 0.33 1.48
CA ASP A 512 11.48 1.69 0.95
C ASP A 512 10.77 1.77 -0.38
N MET A 513 9.56 2.29 -0.37
CA MET A 513 8.72 2.23 -1.57
C MET A 513 8.37 3.62 -2.07
N ALA A 514 9.35 4.48 -2.18
CA ALA A 514 9.10 5.85 -2.60
C ALA A 514 8.52 5.97 -4.04
N TYR A 515 9.16 5.35 -5.02
CA TYR A 515 8.68 5.36 -6.42
C TYR A 515 7.53 4.37 -6.74
N PRO A 516 7.55 3.13 -6.22
CA PRO A 516 6.43 2.19 -6.54
C PRO A 516 5.03 2.59 -6.01
N THR A 517 5.00 3.53 -5.07
CA THR A 517 3.78 3.98 -4.45
C THR A 517 2.89 4.79 -5.40
N SER A 518 3.45 5.26 -6.50
CA SER A 518 2.69 6.03 -7.46
C SER A 518 3.25 5.92 -8.83
N ASN A 519 2.40 6.24 -9.80
CA ASN A 519 2.77 6.30 -11.18
C ASN A 519 1.97 7.46 -11.87
N THR A 520 1.93 7.47 -13.20
CA THR A 520 1.28 8.57 -13.94
C THR A 520 -0.12 8.86 -13.43
N ALA A 521 -0.89 7.81 -13.27
CA ALA A 521 -2.27 7.93 -12.88
C ALA A 521 -2.43 8.28 -11.42
N GLY A 522 -1.38 8.11 -10.60
CA GLY A 522 -1.45 8.43 -9.18
C GLY A 522 -1.07 7.22 -8.36
N ALA A 523 -1.70 7.11 -7.20
CA ALA A 523 -1.34 6.12 -6.18
C ALA A 523 -1.59 4.68 -6.64
N THR A 524 -0.67 3.77 -6.34
CA THR A 524 -0.74 2.38 -6.77
C THR A 524 -1.36 1.43 -5.76
N GLY A 525 -1.44 1.84 -4.50
CA GLY A 525 -1.85 0.95 -3.43
C GLY A 525 -0.74 0.03 -2.94
N TYR A 526 0.48 0.19 -3.47
CA TYR A 526 1.61 -0.65 -3.12
C TYR A 526 1.74 -0.80 -1.62
N GLY A 527 1.99 -2.05 -1.20
CA GLY A 527 2.24 -2.39 0.17
C GLY A 527 1.19 -3.30 0.74
N VAL A 528 -0.05 -3.09 0.34
CA VAL A 528 -1.20 -3.77 0.91
C VAL A 528 -1.14 -5.27 0.65
N THR A 529 -0.77 -5.63 -0.57
CA THR A 529 -0.74 -7.01 -1.01
C THR A 529 0.62 -7.66 -0.78
N LEU A 530 1.66 -6.83 -0.62
CA LEU A 530 2.95 -7.37 -0.27
C LEU A 530 2.84 -8.02 1.10
N VAL A 531 2.28 -7.27 2.04
CA VAL A 531 2.15 -7.64 3.45
C VAL A 531 1.15 -8.77 3.70
N PHE A 532 0.04 -8.74 2.99
CA PHE A 532 -0.88 -9.84 3.01
C PHE A 532 -0.16 -11.14 2.62
N GLU A 533 0.58 -11.14 1.52
CA GLU A 533 1.31 -12.35 1.10
C GLU A 533 2.35 -12.76 2.12
N PHE A 534 3.23 -11.81 2.44
CA PHE A 534 4.30 -12.04 3.36
C PHE A 534 3.84 -12.69 4.66
N LEU A 535 2.78 -12.17 5.25
CA LEU A 535 2.21 -12.75 6.47
C LEU A 535 1.45 -14.05 6.23
N ARG A 536 0.74 -14.19 5.11
CA ARG A 536 0.04 -15.42 4.81
C ARG A 536 1.05 -16.59 4.71
N GLN A 537 2.13 -16.42 3.96
CA GLN A 537 3.11 -17.49 3.88
C GLN A 537 3.82 -17.60 5.27
N HIS A 538 3.50 -18.66 6.02
CA HIS A 538 4.07 -18.91 7.38
C HIS A 538 4.29 -17.62 8.21
#